data_5EW2
#
_entry.id   5EW2
#
_cell.length_a   117.089
_cell.length_b   41.296
_cell.length_c   104.923
_cell.angle_alpha   90.00
_cell.angle_beta   102.90
_cell.angle_gamma   90.00
#
_symmetry.space_group_name_H-M   'C 1 2 1'
#
loop_
_entity.id
_entity.type
_entity.pdbx_description
1 polymer 'thrombin light chain'
2 polymer 'Thrombin heavy chain'
3 polymer 'HD22 (27mer)'
4 polymer HD1-deltaT12
5 non-polymer 2-acetamido-2-deoxy-beta-D-glucopyranose
6 non-polymer D-phenylalanyl-N-[(2S,3S)-6-{[amino(iminio)methyl]amino}-1-chloro-2-hydroxyhexan-3-yl]-L-prolinamide
7 non-polymer 'SODIUM ION'
8 water water
#
loop_
_entity_poly.entity_id
_entity_poly.type
_entity_poly.pdbx_seq_one_letter_code
_entity_poly.pdbx_strand_id
1 'polypeptide(L)' TFGSGEADCGLRPLFEKKSLEDKTERELLESYIDGR L
2 'polypeptide(L)'
;IVEGSDAEIGMSPWQVMLFRKSPQELLCGASLISDRWVLTAAHCLLYPPWDKNFTENDLLVRIGKHSRTRYERNIEKISM
LEKIYIHPRYNWRENLDRDIALMKLKKPVAFSDYIHPVCLPDRETAASLLQAGYKGRVTGWGNLKETWTANVGKGQPSVL
QVVNLPIVERPVCKDSTRIRITDNMFCAGYKPDEGKRGDACEGDSGGPFVMKSPFNNRWYQMGIVSWGEGCDRDGKYGFY
THVFRLKKWIQKVIDQFGE
;
H
3 'polydeoxyribonucleotide'
;(DG)(DT)(DC)(DC)(DG)(DT)(DG)(DG)(DT)(DA)(DG)(DG)(DG)(DC)(DA)(DG)(DG)(DT)(DT)(DG)
(DG)(DG)(DG)(DT)(DG)(DA)(DC)
;
D
4 'polydeoxyribonucleotide' (DG)(DG)(DT)(DT)(DG)(DG)(DT)(DG)(DT)(DG)(DG)(3DR)(DT)(DG)(DG) E
#
# COMPACT_ATOMS: atom_id res chain seq x y z
N GLU A 6 17.56 -3.22 -0.42
CA GLU A 6 17.25 -3.86 0.91
C GLU A 6 18.11 -3.31 2.08
N ALA A 7 19.11 -2.46 1.80
CA ALA A 7 20.12 -2.13 2.84
C ALA A 7 19.69 -1.04 3.72
N ASP A 8 19.41 0.08 3.07
CA ASP A 8 18.92 1.19 3.78
C ASP A 8 17.41 1.11 4.16
N CYS A 9 16.75 0.04 3.75
CA CYS A 9 15.28 0.07 3.71
C CYS A 9 14.61 0.30 5.06
N GLY A 10 13.38 0.80 4.99
CA GLY A 10 12.52 0.86 6.17
C GLY A 10 12.76 2.00 7.18
N LEU A 11 13.78 2.79 6.93
CA LEU A 11 14.30 3.78 7.88
C LEU A 11 14.07 5.16 7.27
N ARG A 12 13.08 5.85 7.82
CA ARG A 12 12.67 7.11 7.22
C ARG A 12 13.71 8.17 7.53
N PRO A 13 14.21 8.89 6.51
CA PRO A 13 15.14 9.99 6.78
C PRO A 13 14.67 11.02 7.84
N LEU A 14 13.37 11.33 7.86
CA LEU A 14 12.85 12.39 8.70
C LEU A 14 12.32 11.87 10.01
N PHE A 15 12.43 10.56 10.23
CA PHE A 15 11.99 9.99 11.51
C PHE A 15 13.01 9.14 12.17
N GLU A 16 13.28 7.95 11.65
CA GLU A 16 14.23 7.07 12.29
C GLU A 16 15.65 7.67 12.22
N LYS A 17 16.02 8.30 11.12
CA LYS A 17 17.35 8.78 11.02
C LYS A 17 17.59 10.02 11.84
N LYS A 18 16.59 10.55 12.52
CA LYS A 18 16.76 11.68 13.40
C LYS A 18 16.43 11.35 14.86
N SER A 19 16.10 10.08 15.11
CA SER A 19 15.42 9.61 16.31
C SER A 19 14.26 10.53 16.61
N LEU A 20 13.30 10.61 15.70
CA LEU A 20 12.06 11.19 16.02
C LEU A 20 10.94 10.27 15.67
N GLU A 21 10.01 10.10 16.58
CA GLU A 21 8.71 9.39 16.31
C GLU A 21 7.61 10.26 15.69
N ASP A 22 6.88 9.75 14.69
CA ASP A 22 5.67 10.39 14.21
C ASP A 22 4.61 10.32 15.26
N LYS A 23 3.50 11.05 15.16
CA LYS A 23 2.66 11.18 16.30
C LYS A 23 2.00 9.79 16.74
N THR A 24 1.83 8.84 15.83
CA THR A 24 0.95 7.70 16.07
C THR A 24 1.56 6.37 15.82
N GLU A 25 2.85 6.30 15.50
CA GLU A 25 3.51 4.96 15.41
C GLU A 25 3.50 4.18 16.73
N ARG A 26 3.53 4.90 17.83
CA ARG A 26 3.39 4.26 19.11
C ARG A 26 2.06 3.52 19.21
N GLU A 27 1.05 4.05 18.53
CA GLU A 27 -0.24 3.49 18.61
C GLU A 27 -0.16 2.08 18.11
N LEU A 28 0.57 1.90 17.00
CA LEU A 28 0.81 0.57 16.43
C LEU A 28 1.61 -0.36 17.36
N LEU A 29 2.70 0.17 17.91
CA LEU A 29 3.56 -0.60 18.73
C LEU A 29 2.84 -1.05 20.01
N GLU A 30 2.06 -0.18 20.62
CA GLU A 30 1.24 -0.53 21.79
C GLU A 30 0.18 -1.59 21.42
N SER A 31 -0.24 -1.65 20.16
CA SER A 31 -1.21 -2.64 19.75
C SER A 31 -0.65 -4.08 19.73
N TYR A 32 0.66 -4.23 19.77
CA TYR A 32 1.22 -5.57 19.66
C TYR A 32 1.08 -6.19 21.04
N ILE A 33 0.64 -7.45 21.06
CA ILE A 33 0.37 -8.23 22.30
C ILE A 33 0.06 -9.70 21.93
N ILE B 1 -9.01 7.13 1.74
CA ILE B 1 -8.89 6.75 3.20
C ILE B 1 -10.05 7.42 3.91
N VAL B 2 -10.85 6.63 4.60
CA VAL B 2 -12.02 7.18 5.35
C VAL B 2 -11.64 7.25 6.81
N GLU B 3 -12.01 8.32 7.51
CA GLU B 3 -11.65 8.59 8.90
C GLU B 3 -10.16 8.48 9.24
N GLY B 4 -9.32 8.79 8.28
CA GLY B 4 -7.88 8.98 8.54
C GLY B 4 -7.56 10.45 8.81
N SER B 5 -6.31 10.80 8.65
CA SER B 5 -5.81 12.19 8.93
C SER B 5 -4.66 12.51 8.02
N ASP B 6 -4.33 13.79 7.92
CA ASP B 6 -3.21 14.18 7.07
C ASP B 6 -1.87 13.56 7.54
N ALA B 7 -1.05 13.23 6.56
CA ALA B 7 0.20 12.56 6.87
C ALA B 7 1.20 13.60 7.24
N GLU B 8 2.05 13.27 8.20
CA GLU B 8 3.27 14.07 8.38
C GLU B 8 4.22 13.97 7.16
N ILE B 9 5.02 15.01 6.98
CA ILE B 9 5.97 15.11 5.87
C ILE B 9 7.04 14.05 6.12
N GLY B 10 7.25 13.20 5.11
CA GLY B 10 8.23 12.14 5.13
C GLY B 10 7.74 10.92 5.89
N MET B 11 6.48 10.90 6.27
CA MET B 11 5.96 9.89 7.14
C MET B 11 5.82 8.57 6.40
N SER B 12 5.54 8.65 5.11
CA SER B 12 5.41 7.48 4.28
C SER B 12 6.15 7.75 2.96
N PRO B 13 7.50 7.83 3.02
CA PRO B 13 8.35 8.20 1.86
C PRO B 13 8.37 7.21 0.70
N TRP B 14 7.93 5.98 0.96
CA TRP B 14 7.76 4.90 0.00
C TRP B 14 6.40 5.00 -0.72
N GLN B 15 5.55 5.97 -0.34
CA GLN B 15 4.27 6.12 -1.02
C GLN B 15 4.56 6.59 -2.42
N VAL B 16 3.83 5.98 -3.36
CA VAL B 16 3.93 6.23 -4.78
C VAL B 16 2.53 6.42 -5.32
N MET B 17 2.45 7.27 -6.31
CA MET B 17 1.20 7.63 -6.97
C MET B 17 1.21 7.09 -8.39
N LEU B 18 0.29 6.21 -8.73
CA LEU B 18 0.13 5.70 -10.06
C LEU B 18 -0.79 6.62 -10.84
N PHE B 19 -0.31 7.09 -11.94
CA PHE B 19 -0.94 8.17 -12.71
C PHE B 19 -1.12 7.68 -14.13
N ARG B 20 -2.06 8.25 -14.81
CA ARG B 20 -2.25 7.91 -16.21
C ARG B 20 -1.84 9.13 -17.01
N LYS B 21 -1.00 8.94 -18.01
CA LYS B 21 -0.55 10.03 -18.83
C LYS B 21 -1.67 10.84 -19.49
N SER B 22 -2.59 10.15 -20.13
CA SER B 22 -3.72 10.83 -20.85
C SER B 22 -5.02 9.97 -20.87
N PRO B 23 -6.12 10.44 -20.32
CA PRO B 23 -6.23 11.72 -19.61
C PRO B 23 -5.46 11.74 -18.31
N GLN B 24 -4.97 12.90 -17.93
CA GLN B 24 -4.15 12.99 -16.70
C GLN B 24 -4.97 12.74 -15.48
N GLU B 25 -5.01 11.50 -15.03
CA GLU B 25 -5.81 11.16 -13.82
C GLU B 25 -5.05 10.19 -12.92
N LEU B 26 -5.25 10.34 -11.63
CA LEU B 26 -4.66 9.50 -10.64
C LEU B 26 -5.45 8.20 -10.48
N LEU B 27 -4.79 7.08 -10.75
CA LEU B 27 -5.46 5.80 -10.72
C LEU B 27 -5.36 5.13 -9.38
N CYS B 28 -4.19 5.10 -8.79
CA CYS B 28 -4.02 4.23 -7.64
C CYS B 28 -2.82 4.64 -6.82
N GLY B 29 -2.62 3.94 -5.73
CA GLY B 29 -1.38 3.97 -5.02
C GLY B 29 -0.43 2.91 -5.50
N ALA B 30 0.76 2.98 -4.96
CA ALA B 30 1.79 1.98 -5.17
C ALA B 30 2.84 2.27 -4.09
N SER B 31 3.97 1.56 -4.14
CA SER B 31 5.00 1.70 -3.09
C SER B 31 6.43 1.45 -3.64
N LEU B 32 7.41 2.16 -3.11
CA LEU B 32 8.77 2.01 -3.56
C LEU B 32 9.49 0.95 -2.73
N ILE B 33 10.02 -0.07 -3.43
CA ILE B 33 10.68 -1.14 -2.81
C ILE B 33 12.15 -1.11 -3.19
N SER B 34 12.53 -0.70 -4.40
CA SER B 34 13.94 -0.42 -4.69
C SER B 34 14.08 0.92 -5.37
N ASP B 35 15.27 1.29 -5.81
CA ASP B 35 15.37 2.49 -6.62
C ASP B 35 14.76 2.34 -8.04
N ARG B 36 14.49 1.12 -8.53
CA ARG B 36 13.91 0.82 -9.90
C ARG B 36 12.56 0.10 -9.95
N TRP B 37 12.01 -0.27 -8.77
CA TRP B 37 10.82 -1.16 -8.71
C TRP B 37 9.76 -0.60 -7.80
N VAL B 38 8.54 -0.68 -8.30
CA VAL B 38 7.38 -0.23 -7.59
C VAL B 38 6.37 -1.36 -7.58
N LEU B 39 5.73 -1.52 -6.46
CA LEU B 39 4.78 -2.55 -6.24
C LEU B 39 3.39 -1.91 -6.11
N THR B 40 2.47 -2.36 -6.91
CA THR B 40 1.07 -1.94 -6.87
C THR B 40 0.13 -3.16 -6.96
N ALA B 41 -1.17 -2.85 -6.92
CA ALA B 41 -2.27 -3.83 -7.07
C ALA B 41 -2.51 -4.05 -8.53
N ALA B 42 -2.71 -5.29 -8.92
CA ALA B 42 -2.90 -5.65 -10.31
C ALA B 42 -4.14 -5.00 -10.90
N HIS B 43 -5.20 -4.91 -10.13
CA HIS B 43 -6.43 -4.38 -10.68
C HIS B 43 -6.32 -2.91 -11.06
N CYS B 44 -5.30 -2.23 -10.53
CA CYS B 44 -4.99 -0.87 -10.97
C CYS B 44 -4.63 -0.79 -12.45
N LEU B 45 -4.10 -1.87 -12.96
CA LEU B 45 -3.62 -1.97 -14.33
C LEU B 45 -4.48 -2.80 -15.25
N LEU B 46 -4.86 -3.95 -14.75
CA LEU B 46 -5.65 -4.85 -15.52
C LEU B 46 -6.97 -5.20 -14.82
N TYR B 47 -8.09 -4.81 -15.36
CA TYR B 47 -9.39 -5.23 -14.81
C TYR B 47 -10.40 -5.33 -15.92
N PRO B 48 -10.46 -6.52 -16.53
CA PRO B 48 -11.30 -6.82 -17.67
C PRO B 48 -12.79 -6.59 -17.51
N PRO B 49 -13.35 -6.71 -16.32
CA PRO B 49 -14.79 -6.42 -16.24
C PRO B 49 -15.11 -4.98 -16.55
N TRP B 50 -14.11 -4.10 -16.50
CA TRP B 50 -14.23 -2.72 -16.98
C TRP B 50 -13.34 -2.42 -18.16
N ASP B 51 -12.90 -3.46 -18.85
CA ASP B 51 -11.98 -3.37 -19.98
C ASP B 51 -10.79 -2.50 -19.65
N LYS B 52 -10.18 -2.65 -18.50
CA LYS B 52 -9.02 -1.84 -18.17
C LYS B 52 -7.85 -2.72 -18.51
N ASN B 53 -6.91 -2.19 -19.28
CA ASN B 53 -5.69 -2.95 -19.59
C ASN B 53 -4.62 -1.97 -19.96
N PHE B 54 -3.88 -1.49 -18.99
CA PHE B 54 -2.94 -0.41 -19.23
C PHE B 54 -1.56 -0.87 -19.65
N THR B 55 -1.02 -0.34 -20.74
CA THR B 55 0.38 -0.62 -21.18
C THR B 55 1.31 0.21 -20.33
N GLU B 56 2.57 -0.20 -20.38
CA GLU B 56 3.72 0.59 -19.86
C GLU B 56 3.75 2.06 -20.29
N ASN B 57 3.39 2.36 -21.55
CA ASN B 57 3.29 3.76 -22.02
C ASN B 57 2.03 4.52 -21.72
N ASP B 58 1.09 3.89 -21.03
CA ASP B 58 -0.10 4.57 -20.62
C ASP B 58 0.16 5.33 -19.35
N LEU B 59 1.18 4.99 -18.58
CA LEU B 59 1.24 5.42 -17.16
C LEU B 59 2.53 6.06 -16.71
N LEU B 60 2.43 6.87 -15.66
CA LEU B 60 3.59 7.36 -14.92
C LEU B 60 3.48 7.11 -13.45
N VAL B 61 4.55 7.22 -12.73
CA VAL B 61 4.51 7.15 -11.28
C VAL B 61 5.12 8.45 -10.73
N ARG B 62 4.57 8.91 -9.61
CA ARG B 62 5.04 10.12 -8.95
C ARG B 62 5.42 9.74 -7.53
N ILE B 63 6.67 9.97 -7.19
CA ILE B 63 7.26 9.56 -5.92
C ILE B 63 7.62 10.82 -5.11
N GLY B 64 7.61 10.66 -3.76
CA GLY B 64 7.89 11.75 -2.84
C GLY B 64 6.83 12.82 -2.64
N LYS B 65 5.60 12.56 -3.11
CA LYS B 65 4.55 13.59 -3.05
C LYS B 65 3.82 13.68 -1.69
N HIS B 66 3.19 14.84 -1.50
CA HIS B 66 2.41 15.13 -0.32
C HIS B 66 1.01 15.74 -0.72
N SER B 67 1.04 16.83 -1.46
CA SER B 67 -0.15 17.34 -2.16
C SER B 67 -0.64 16.32 -3.18
N ARG B 68 -1.95 16.11 -3.28
CA ARG B 68 -2.55 15.22 -4.27
C ARG B 68 -2.36 15.77 -5.71
N THR B 69 -2.56 17.06 -5.92
CA THR B 69 -2.70 17.67 -7.21
C THR B 69 -1.51 18.55 -7.64
N ARG B 70 -1.09 19.38 -6.68
CA ARG B 70 -0.03 20.40 -6.89
C ARG B 70 1.37 19.80 -7.18
N TYR B 71 2.08 20.37 -8.15
CA TYR B 71 3.45 19.95 -8.44
C TYR B 71 4.40 20.36 -7.30
N GLU B 72 4.99 19.38 -6.64
CA GLU B 72 5.91 19.66 -5.57
C GLU B 72 7.32 19.79 -6.10
N ARG B 73 7.62 20.99 -6.57
CA ARG B 73 8.92 21.32 -7.11
C ARG B 73 10.11 21.00 -6.21
N ASN B 74 11.13 20.41 -6.84
CA ASN B 74 12.34 19.93 -6.18
C ASN B 74 12.06 18.96 -5.10
N ILE B 75 10.88 18.36 -5.07
CA ILE B 75 10.53 17.41 -4.02
C ILE B 75 10.12 16.13 -4.66
N GLU B 76 9.17 16.18 -5.59
CA GLU B 76 8.65 14.94 -6.18
C GLU B 76 9.48 14.52 -7.37
N LYS B 77 9.34 13.26 -7.70
CA LYS B 77 9.96 12.71 -8.89
C LYS B 77 8.94 11.92 -9.75
N ILE B 78 8.88 12.28 -11.02
CA ILE B 78 8.03 11.63 -12.01
C ILE B 78 8.88 10.67 -12.83
N SER B 79 8.53 9.37 -12.82
CA SER B 79 9.20 8.34 -13.67
C SER B 79 8.34 7.54 -14.65
N MET B 80 8.93 7.27 -15.82
CA MET B 80 8.27 6.51 -16.89
C MET B 80 8.54 5.05 -16.55
N LEU B 81 7.65 4.16 -17.01
CA LEU B 81 7.74 2.71 -16.69
C LEU B 81 8.43 1.91 -17.78
N GLU B 82 9.38 1.07 -17.43
CA GLU B 82 10.10 0.18 -18.38
C GLU B 82 9.26 -1.03 -18.75
N LYS B 83 8.72 -1.65 -17.72
CA LYS B 83 8.01 -2.89 -17.89
C LYS B 83 7.04 -3.16 -16.75
N ILE B 84 5.89 -3.72 -17.04
CA ILE B 84 4.91 -4.20 -16.03
C ILE B 84 4.89 -5.71 -15.94
N TYR B 85 4.93 -6.24 -14.73
CA TYR B 85 4.78 -7.68 -14.45
C TYR B 85 3.56 -7.96 -13.56
N ILE B 86 2.55 -8.63 -14.09
CA ILE B 86 1.41 -9.08 -13.30
C ILE B 86 1.54 -10.55 -12.91
N HIS B 87 1.07 -10.84 -11.72
CA HIS B 87 1.14 -12.17 -11.14
C HIS B 87 0.36 -13.13 -12.02
N PRO B 88 0.98 -14.25 -12.40
CA PRO B 88 0.34 -15.12 -13.33
C PRO B 88 -0.94 -15.72 -12.88
N ARG B 89 -1.14 -15.79 -11.56
CA ARG B 89 -2.32 -16.38 -10.93
C ARG B 89 -3.36 -15.36 -10.43
N TYR B 90 -3.28 -14.14 -10.94
CA TYR B 90 -4.14 -13.06 -10.52
C TYR B 90 -5.50 -13.33 -11.08
N ASN B 91 -6.52 -13.36 -10.21
CA ASN B 91 -7.85 -13.66 -10.63
C ASN B 91 -8.74 -12.43 -10.54
N TRP B 92 -8.98 -11.85 -11.69
CA TRP B 92 -9.73 -10.60 -11.79
C TRP B 92 -11.21 -10.81 -11.74
N ARG B 93 -11.72 -12.02 -11.75
CA ARG B 93 -13.14 -12.24 -11.80
C ARG B 93 -13.69 -12.58 -10.41
N GLU B 94 -13.12 -13.61 -9.86
CA GLU B 94 -13.67 -14.15 -8.65
C GLU B 94 -13.52 -13.26 -7.41
N ASN B 95 -12.31 -12.87 -7.12
CA ASN B 95 -11.98 -12.26 -5.83
C ASN B 95 -10.69 -11.52 -5.79
N LEU B 96 -10.14 -11.12 -6.93
CA LEU B 96 -8.88 -10.39 -6.91
C LEU B 96 -7.84 -11.14 -6.06
N ASP B 97 -7.77 -12.46 -6.21
CA ASP B 97 -6.73 -13.28 -5.59
C ASP B 97 -5.43 -12.88 -6.23
N ARG B 98 -4.38 -12.85 -5.39
CA ARG B 98 -3.06 -12.40 -5.85
C ARG B 98 -3.18 -11.07 -6.64
N ASP B 99 -3.90 -10.12 -6.07
CA ASP B 99 -4.04 -8.80 -6.73
C ASP B 99 -2.71 -8.06 -6.50
N ILE B 100 -1.72 -8.36 -7.35
CA ILE B 100 -0.42 -7.76 -7.22
C ILE B 100 0.25 -7.55 -8.57
N ALA B 101 0.99 -6.45 -8.70
CA ALA B 101 1.84 -6.16 -9.84
C ALA B 101 3.14 -5.48 -9.41
N LEU B 102 4.17 -5.63 -10.23
CA LEU B 102 5.47 -4.95 -10.11
C LEU B 102 5.75 -4.12 -11.38
N MET B 103 6.28 -2.96 -11.22
CA MET B 103 6.51 -2.08 -12.34
C MET B 103 7.97 -1.66 -12.24
N LYS B 104 8.70 -1.99 -13.30
CA LYS B 104 10.07 -1.56 -13.45
C LYS B 104 10.09 -0.15 -14.03
N LEU B 105 10.81 0.76 -13.35
CA LEU B 105 11.02 2.15 -13.85
C LEU B 105 12.06 2.19 -14.94
N LYS B 106 11.84 3.08 -15.92
CA LYS B 106 12.77 3.24 -17.00
C LYS B 106 14.15 3.61 -16.44
N LYS B 107 14.23 4.46 -15.44
CA LYS B 107 15.53 4.79 -14.85
C LYS B 107 15.44 4.89 -13.35
N PRO B 108 16.54 4.50 -12.64
CA PRO B 108 16.44 4.50 -11.21
C PRO B 108 16.26 5.88 -10.58
N VAL B 109 15.50 5.89 -9.51
CA VAL B 109 15.19 7.09 -8.78
C VAL B 109 16.13 7.36 -7.60
N ALA B 110 16.44 8.63 -7.43
CA ALA B 110 17.27 9.11 -6.33
C ALA B 110 16.44 9.22 -5.05
N PHE B 111 16.91 8.58 -3.98
CA PHE B 111 16.24 8.69 -2.70
C PHE B 111 16.57 10.04 -2.11
N SER B 112 15.82 10.39 -1.06
CA SER B 112 15.80 11.72 -0.43
C SER B 112 15.03 11.69 0.93
N ASP B 113 14.72 12.86 1.50
CA ASP B 113 13.92 12.98 2.71
C ASP B 113 12.52 12.43 2.50
N TYR B 114 12.07 12.55 1.25
CA TYR B 114 10.66 12.26 0.90
C TYR B 114 10.51 11.02 0.06
N ILE B 115 11.62 10.44 -0.40
CA ILE B 115 11.66 9.31 -1.28
C ILE B 115 12.62 8.36 -0.64
N HIS B 116 12.09 7.20 -0.29
CA HIS B 116 12.83 6.19 0.39
C HIS B 116 12.07 4.85 0.43
N PRO B 117 12.75 3.75 0.13
CA PRO B 117 12.07 2.46 -0.03
C PRO B 117 11.67 1.83 1.31
N VAL B 118 10.56 1.10 1.29
CA VAL B 118 10.09 0.26 2.38
C VAL B 118 10.69 -1.14 2.26
N CYS B 119 10.78 -1.88 3.36
CA CYS B 119 11.37 -3.19 3.36
C CYS B 119 10.24 -4.16 3.10
N LEU B 120 10.60 -5.24 2.42
CA LEU B 120 9.73 -6.40 2.34
C LEU B 120 9.94 -7.42 3.46
N PRO B 121 8.87 -8.07 3.93
CA PRO B 121 9.00 -8.93 5.12
C PRO B 121 9.68 -10.25 4.85
N ASP B 122 10.53 -10.68 5.78
CA ASP B 122 11.02 -12.07 5.84
C ASP B 122 10.00 -12.98 6.56
N ARG B 123 10.35 -14.26 6.63
CA ARG B 123 9.51 -15.17 7.36
C ARG B 123 9.28 -14.76 8.81
N GLU B 124 10.34 -14.32 9.48
CA GLU B 124 10.30 -14.07 10.91
C GLU B 124 9.44 -12.87 11.20
N THR B 125 9.63 -11.82 10.43
CA THR B 125 8.86 -10.57 10.52
C THR B 125 7.38 -10.89 10.37
N ALA B 126 7.07 -11.61 9.32
CA ALA B 126 5.71 -12.00 8.98
C ALA B 126 5.00 -12.85 10.05
N ALA B 127 5.73 -13.83 10.58
CA ALA B 127 5.21 -14.72 11.58
C ALA B 127 4.83 -13.85 12.71
N SER B 128 5.80 -13.04 13.13
CA SER B 128 5.74 -12.14 14.28
C SER B 128 4.62 -11.10 14.25
N LEU B 129 4.38 -10.48 13.10
CA LEU B 129 3.48 -9.33 12.98
C LEU B 129 2.08 -9.64 12.47
N LEU B 130 1.93 -10.71 11.71
CA LEU B 130 0.64 -11.03 11.15
C LEU B 130 -0.21 -11.78 12.17
N GLN B 131 -0.74 -11.00 13.10
CA GLN B 131 -1.59 -11.53 14.10
C GLN B 131 -2.76 -10.63 14.29
N ALA B 132 -3.92 -11.22 14.56
CA ALA B 132 -5.11 -10.40 14.72
C ALA B 132 -4.94 -9.54 15.95
N GLY B 133 -5.32 -8.28 15.83
CA GLY B 133 -5.16 -7.31 16.88
C GLY B 133 -4.02 -6.36 16.58
N TYR B 134 -2.99 -6.77 15.87
CA TYR B 134 -1.87 -5.91 15.68
C TYR B 134 -2.28 -4.89 14.64
N LYS B 135 -1.85 -3.65 14.86
CA LYS B 135 -2.16 -2.58 13.95
C LYS B 135 -1.03 -2.34 12.99
N GLY B 136 -1.45 -2.05 11.77
CA GLY B 136 -0.56 -1.54 10.72
C GLY B 136 -1.11 -0.23 10.24
N ARG B 137 -0.53 0.28 9.16
CA ARG B 137 -0.79 1.62 8.66
C ARG B 137 -0.98 1.67 7.14
N VAL B 138 -2.07 2.29 6.72
CA VAL B 138 -2.44 2.42 5.32
C VAL B 138 -2.46 3.91 4.93
N THR B 139 -1.99 4.17 3.73
CA THR B 139 -1.84 5.52 3.27
C THR B 139 -2.42 5.64 1.89
N GLY B 140 -2.96 6.81 1.55
CA GLY B 140 -3.36 7.01 0.16
C GLY B 140 -4.04 8.31 -0.06
N TRP B 141 -4.22 8.64 -1.33
CA TRP B 141 -5.02 9.78 -1.72
C TRP B 141 -6.41 9.43 -2.24
N GLY B 142 -6.90 8.23 -1.93
CA GLY B 142 -8.23 7.82 -2.32
C GLY B 142 -9.33 8.57 -1.61
N ASN B 143 -10.56 8.16 -1.86
CA ASN B 143 -11.68 9.00 -1.45
C ASN B 143 -11.90 8.98 0.05
N LEU B 144 -12.50 10.04 0.56
CA LEU B 144 -12.82 10.19 1.99
C LEU B 144 -14.15 9.61 2.44
N LYS B 145 -15.14 9.59 1.57
CA LYS B 145 -16.37 8.85 1.80
C LYS B 145 -16.56 7.96 0.60
N GLU B 146 -17.60 7.15 0.57
CA GLU B 146 -17.70 6.11 -0.44
C GLU B 146 -18.45 6.54 -1.76
N THR B 147 -19.35 7.52 -1.72
CA THR B 147 -19.83 8.20 -3.00
C THR B 147 -19.64 9.71 -2.64
N GLY B 155 -14.68 15.60 -0.93
CA GLY B 155 -14.59 14.44 -1.86
C GLY B 155 -13.30 13.58 -1.83
N GLN B 156 -12.17 14.11 -2.36
CA GLN B 156 -10.82 13.51 -2.13
C GLN B 156 -9.97 14.49 -1.33
N PRO B 157 -8.83 13.98 -0.82
CA PRO B 157 -8.01 14.74 0.07
C PRO B 157 -7.08 15.71 -0.63
N SER B 158 -6.87 16.79 0.04
CA SER B 158 -5.95 17.83 -0.30
C SER B 158 -4.53 17.28 -0.30
N VAL B 159 -4.17 16.55 0.73
CA VAL B 159 -2.85 15.89 0.80
C VAL B 159 -3.01 14.44 1.23
N LEU B 160 -1.88 13.71 1.23
CA LEU B 160 -1.85 12.28 1.53
C LEU B 160 -2.52 11.97 2.88
N GLN B 161 -3.32 10.90 2.91
CA GLN B 161 -4.01 10.47 4.14
C GLN B 161 -3.38 9.18 4.71
N VAL B 162 -3.41 9.12 6.03
CA VAL B 162 -2.92 7.98 6.76
C VAL B 162 -4.04 7.58 7.75
N VAL B 163 -4.03 6.27 7.98
CA VAL B 163 -4.82 5.68 9.04
C VAL B 163 -4.18 4.40 9.60
N ASN B 164 -4.32 4.14 10.90
CA ASN B 164 -3.80 2.92 11.50
C ASN B 164 -4.97 2.01 11.87
N LEU B 165 -4.89 0.75 11.48
CA LEU B 165 -6.00 -0.16 11.60
C LEU B 165 -5.50 -1.56 12.00
N PRO B 166 -6.32 -2.30 12.78
CA PRO B 166 -5.83 -3.60 13.19
C PRO B 166 -6.15 -4.75 12.20
N ILE B 167 -5.24 -5.72 12.17
CA ILE B 167 -5.45 -6.93 11.39
C ILE B 167 -6.57 -7.68 12.09
N VAL B 168 -7.41 -8.36 11.32
CA VAL B 168 -8.63 -8.99 11.82
C VAL B 168 -8.53 -10.52 11.66
N GLU B 169 -9.12 -11.27 12.61
CA GLU B 169 -9.11 -12.74 12.58
C GLU B 169 -9.74 -13.26 11.30
N ARG B 170 -9.22 -14.35 10.78
CA ARG B 170 -9.68 -14.81 9.50
C ARG B 170 -11.14 -15.23 9.48
N PRO B 171 -11.60 -15.86 10.58
CA PRO B 171 -13.02 -16.20 10.53
C PRO B 171 -13.94 -14.99 10.44
N VAL B 172 -13.57 -13.91 11.09
CA VAL B 172 -14.34 -12.66 11.01
C VAL B 172 -14.37 -12.11 9.58
N CYS B 173 -13.19 -12.04 8.96
CA CYS B 173 -13.03 -11.62 7.55
C CYS B 173 -13.84 -12.49 6.64
N LYS B 174 -13.81 -13.80 6.86
CA LYS B 174 -14.57 -14.78 6.06
C LYS B 174 -16.09 -14.56 6.14
N ASP B 175 -16.65 -14.51 7.35
CA ASP B 175 -18.05 -14.12 7.61
C ASP B 175 -18.49 -12.70 7.12
N SER B 176 -17.55 -11.77 6.91
CA SER B 176 -17.85 -10.36 6.55
C SER B 176 -18.26 -10.13 5.11
N THR B 177 -18.04 -11.11 4.24
CA THR B 177 -18.26 -10.86 2.83
C THR B 177 -18.81 -12.08 2.22
N ARG B 178 -19.46 -11.90 1.09
CA ARG B 178 -19.96 -13.02 0.32
C ARG B 178 -18.86 -13.68 -0.51
N ILE B 179 -17.89 -12.85 -0.86
CA ILE B 179 -16.82 -13.17 -1.73
C ILE B 179 -15.87 -14.24 -1.17
N ARG B 180 -15.37 -15.11 -2.08
CA ARG B 180 -14.49 -16.21 -1.72
C ARG B 180 -13.18 -15.59 -1.33
N ILE B 181 -12.63 -15.98 -0.18
CA ILE B 181 -11.40 -15.41 0.34
C ILE B 181 -10.26 -16.40 0.24
N THR B 182 -9.11 -15.92 -0.21
CA THR B 182 -7.96 -16.76 -0.34
C THR B 182 -6.99 -16.49 0.79
N ASP B 183 -6.13 -17.45 1.06
CA ASP B 183 -5.04 -17.24 2.04
C ASP B 183 -3.99 -16.30 1.50
N ASN B 184 -4.14 -15.87 0.25
CA ASN B 184 -3.32 -14.79 -0.31
C ASN B 184 -3.79 -13.37 -0.02
N MET B 185 -4.78 -13.26 0.86
CA MET B 185 -5.27 -11.97 1.27
C MET B 185 -5.60 -11.96 2.75
N PHE B 186 -5.42 -10.81 3.40
CA PHE B 186 -5.92 -10.58 4.76
C PHE B 186 -6.87 -9.40 4.86
N CYS B 187 -7.62 -9.27 5.94
CA CYS B 187 -8.48 -8.09 6.12
C CYS B 187 -8.12 -7.32 7.41
N ALA B 188 -8.47 -6.05 7.43
CA ALA B 188 -8.00 -5.14 8.51
C ALA B 188 -8.97 -3.99 8.59
N GLY B 189 -9.19 -3.48 9.81
CA GLY B 189 -10.26 -2.53 10.09
C GLY B 189 -10.79 -2.73 11.47
N TYR B 190 -11.52 -1.75 11.96
CA TYR B 190 -12.09 -1.86 13.30
C TYR B 190 -13.44 -2.53 13.19
N LYS B 191 -13.83 -3.21 14.27
CA LYS B 191 -15.13 -3.81 14.38
C LYS B 191 -16.14 -2.76 14.87
N PRO B 192 -17.42 -3.01 14.72
CA PRO B 192 -18.42 -2.08 15.22
C PRO B 192 -18.39 -1.76 16.74
N ASP B 193 -18.03 -2.76 17.54
CA ASP B 193 -17.92 -2.61 18.97
C ASP B 193 -16.54 -2.11 19.46
N GLU B 194 -15.61 -1.80 18.56
CA GLU B 194 -14.30 -1.27 18.97
C GLU B 194 -14.31 0.25 19.15
N GLY B 195 -15.37 0.94 18.73
CA GLY B 195 -15.47 2.38 18.93
C GLY B 195 -14.77 3.23 17.87
N LYS B 196 -13.47 3.07 17.76
CA LYS B 196 -12.66 3.75 16.75
C LYS B 196 -13.08 3.30 15.34
N ARG B 197 -12.85 4.14 14.33
CA ARG B 197 -13.26 3.87 12.94
C ARG B 197 -12.07 4.05 12.00
N GLY B 198 -12.33 3.82 10.71
CA GLY B 198 -11.27 3.90 9.69
C GLY B 198 -11.22 2.77 8.67
N ASP B 199 -10.89 3.14 7.43
CA ASP B 199 -10.74 2.24 6.28
C ASP B 199 -10.11 2.95 5.06
N ALA B 200 -9.63 2.10 4.14
CA ALA B 200 -9.26 2.52 2.77
C ALA B 200 -10.52 2.60 1.93
N CYS B 201 -10.38 3.21 0.77
CA CYS B 201 -11.53 3.42 -0.08
C CYS B 201 -11.00 3.33 -1.49
N GLU B 202 -11.85 3.66 -2.46
CA GLU B 202 -11.45 3.68 -3.85
C GLU B 202 -10.38 4.75 -4.04
N GLY B 203 -9.43 4.38 -4.92
CA GLY B 203 -8.31 5.15 -5.25
C GLY B 203 -7.10 4.87 -4.41
N ASP B 204 -7.28 4.23 -3.24
CA ASP B 204 -6.17 3.85 -2.37
C ASP B 204 -5.54 2.51 -2.75
N SER B 205 -6.09 1.80 -3.72
CA SER B 205 -5.50 0.55 -4.16
C SER B 205 -4.09 0.69 -4.62
N GLY B 206 -3.29 -0.31 -4.28
CA GLY B 206 -1.82 -0.40 -4.55
C GLY B 206 -1.00 0.24 -3.46
N GLY B 207 -1.65 1.09 -2.65
CA GLY B 207 -1.04 1.65 -1.46
C GLY B 207 -0.64 0.56 -0.46
N PRO B 208 0.46 0.82 0.32
CA PRO B 208 0.98 -0.15 1.28
C PRO B 208 0.29 -0.13 2.68
N PHE B 209 -0.01 -1.35 3.16
CA PHE B 209 -0.35 -1.64 4.55
C PHE B 209 0.98 -1.98 5.13
N VAL B 210 1.43 -1.20 6.10
CA VAL B 210 2.76 -1.36 6.65
C VAL B 210 2.74 -1.50 8.17
N MET B 211 3.80 -2.13 8.70
CA MET B 211 3.98 -2.40 10.13
C MET B 211 5.42 -2.10 10.54
N LYS B 212 5.56 -1.53 11.73
CA LYS B 212 6.87 -1.21 12.27
C LYS B 212 7.36 -2.32 13.20
N SER B 213 8.55 -2.84 12.83
CA SER B 213 9.16 -3.92 13.57
C SER B 213 9.73 -3.41 14.86
N PRO B 214 9.24 -3.97 15.99
CA PRO B 214 9.82 -3.64 17.27
C PRO B 214 11.22 -4.23 17.42
N PHE B 215 11.64 -5.16 16.58
CA PHE B 215 12.93 -5.79 16.68
C PHE B 215 14.06 -4.93 16.14
N ASN B 216 13.78 -4.09 15.13
CA ASN B 216 14.82 -3.29 14.48
C ASN B 216 14.44 -1.91 14.02
N ASN B 217 13.26 -1.43 14.42
CA ASN B 217 12.72 -0.15 13.99
C ASN B 217 12.38 0.10 12.51
N ARG B 218 12.51 -0.89 11.66
CA ARG B 218 12.28 -0.71 10.24
C ARG B 218 10.80 -0.92 9.98
N TRP B 219 10.27 -0.26 8.94
CA TRP B 219 8.92 -0.49 8.48
C TRP B 219 8.90 -1.52 7.36
N TYR B 220 7.93 -2.44 7.43
CA TYR B 220 7.80 -3.48 6.47
C TYR B 220 6.43 -3.40 5.90
N GLN B 221 6.40 -3.67 4.59
CA GLN B 221 5.13 -3.78 3.84
C GLN B 221 4.53 -5.18 3.90
N MET B 222 3.48 -5.28 4.70
CA MET B 222 2.77 -6.53 4.86
C MET B 222 1.58 -6.71 3.90
N GLY B 223 1.10 -5.64 3.27
CA GLY B 223 -0.10 -5.74 2.45
C GLY B 223 -0.13 -4.71 1.36
N ILE B 224 -0.92 -4.98 0.34
CA ILE B 224 -1.26 -4.02 -0.70
C ILE B 224 -2.75 -3.85 -0.67
N VAL B 225 -3.23 -2.59 -0.75
CA VAL B 225 -4.66 -2.29 -0.69
C VAL B 225 -5.26 -2.96 -1.92
N SER B 226 -6.15 -3.93 -1.74
CA SER B 226 -6.73 -4.66 -2.85
C SER B 226 -8.20 -4.28 -3.10
N TRP B 227 -9.05 -4.56 -2.12
CA TRP B 227 -10.48 -4.34 -2.33
C TRP B 227 -11.31 -4.13 -1.06
N GLY B 228 -12.60 -3.92 -1.25
CA GLY B 228 -13.54 -3.79 -0.14
C GLY B 228 -14.99 -3.61 -0.63
N GLU B 229 -15.91 -3.46 0.30
CA GLU B 229 -17.32 -3.32 -0.03
C GLU B 229 -17.86 -2.07 0.71
N GLY B 230 -17.92 -0.97 -0.02
CA GLY B 230 -18.27 0.29 0.53
C GLY B 230 -16.99 0.87 1.02
N CYS B 231 -17.08 1.74 2.00
CA CYS B 231 -15.87 2.23 2.61
C CYS B 231 -16.20 2.54 4.02
N ASP B 232 -15.47 1.95 4.95
CA ASP B 232 -15.64 2.20 6.37
C ASP B 232 -17.08 1.93 6.89
N ARG B 233 -17.70 0.86 6.36
CA ARG B 233 -19.03 0.39 6.88
C ARG B 233 -18.80 -0.55 8.07
N ASP B 234 -19.64 -0.42 9.07
CA ASP B 234 -19.61 -1.33 10.24
C ASP B 234 -19.80 -2.79 9.78
N GLY B 235 -18.94 -3.71 10.20
CA GLY B 235 -19.07 -5.10 9.82
C GLY B 235 -18.34 -5.50 8.56
N LYS B 236 -17.80 -4.49 7.90
CA LYS B 236 -17.09 -4.58 6.68
C LYS B 236 -15.65 -4.20 7.01
N TYR B 237 -14.70 -4.79 6.30
CA TYR B 237 -13.25 -4.60 6.48
C TYR B 237 -12.58 -4.50 5.14
N GLY B 238 -11.51 -3.72 5.09
CA GLY B 238 -10.66 -3.60 3.92
C GLY B 238 -9.84 -4.86 3.73
N PHE B 239 -9.69 -5.28 2.46
CA PHE B 239 -8.96 -6.50 2.10
C PHE B 239 -7.71 -6.12 1.37
N TYR B 240 -6.62 -6.75 1.81
CA TYR B 240 -5.30 -6.46 1.36
C TYR B 240 -4.54 -7.68 0.85
N THR B 241 -3.72 -7.49 -0.18
CA THR B 241 -2.93 -8.61 -0.73
C THR B 241 -1.85 -8.99 0.29
N HIS B 242 -1.80 -10.29 0.59
CA HIS B 242 -0.92 -10.85 1.57
C HIS B 242 0.44 -10.88 0.90
N VAL B 243 1.30 -9.94 1.26
CA VAL B 243 2.57 -9.73 0.54
C VAL B 243 3.64 -10.76 0.82
N PHE B 244 3.84 -11.14 2.08
CA PHE B 244 4.80 -12.16 2.40
C PHE B 244 4.47 -13.43 1.61
N ARG B 245 3.18 -13.80 1.39
CA ARG B 245 2.89 -15.03 0.63
C ARG B 245 3.35 -15.02 -0.80
N LEU B 246 3.49 -13.84 -1.40
CA LEU B 246 3.91 -13.73 -2.78
C LEU B 246 5.34 -13.20 -2.93
N LYS B 247 6.07 -13.13 -1.84
CA LYS B 247 7.44 -12.59 -1.84
C LYS B 247 8.43 -13.35 -2.77
N LYS B 248 8.30 -14.66 -2.94
CA LYS B 248 9.17 -15.40 -3.87
C LYS B 248 9.05 -14.95 -5.34
N TRP B 249 7.81 -14.70 -5.75
CA TRP B 249 7.56 -14.14 -7.08
C TRP B 249 8.22 -12.79 -7.16
N ILE B 250 8.02 -11.95 -6.18
CA ILE B 250 8.61 -10.66 -6.16
C ILE B 250 10.11 -10.80 -6.33
N GLN B 251 10.72 -11.71 -5.57
CA GLN B 251 12.18 -11.92 -5.63
C GLN B 251 12.62 -12.30 -7.01
N LYS B 252 12.07 -13.41 -7.53
CA LYS B 252 12.37 -13.98 -8.85
C LYS B 252 12.35 -12.92 -9.90
N VAL B 253 11.23 -12.22 -10.01
CA VAL B 253 11.08 -11.17 -11.06
C VAL B 253 12.17 -10.10 -11.01
N ILE B 254 12.42 -9.62 -9.80
CA ILE B 254 13.47 -8.63 -9.59
C ILE B 254 14.82 -9.16 -10.05
N ASP B 255 15.21 -10.28 -9.46
CA ASP B 255 16.44 -10.93 -9.77
C ASP B 255 16.51 -11.35 -11.20
N GLN B 256 15.38 -11.57 -11.84
CA GLN B 256 15.40 -12.07 -13.21
C GLN B 256 15.42 -10.95 -14.21
N PHE B 257 14.90 -9.79 -13.84
CA PHE B 257 14.72 -8.76 -14.83
C PHE B 257 15.17 -7.40 -14.33
N GLY B 258 16.21 -7.36 -13.45
CA GLY B 258 16.84 -6.13 -12.90
C GLY B 258 18.09 -5.85 -13.71
#